data_8Z2H
#
_entry.id   8Z2H
#
_cell.length_a   82.110
_cell.length_b   82.110
_cell.length_c   64.700
_cell.angle_alpha   90.000
_cell.angle_beta   90.000
_cell.angle_gamma   120.000
#
_symmetry.space_group_name_H-M   'P 3'
#
loop_
_entity.id
_entity.type
_entity.pdbx_description
1 polymer 'Alpha/beta hydrolase family protein'
2 non-polymer '4-[2-hydroxyethyloxy(oxidanyl)phosphoryl]benzoic acid'
3 non-polymer 'CALCIUM ION'
4 water water
#
_entity_poly.entity_id   1
_entity_poly.type   'polypeptide(L)'
_entity_poly.pdbx_seq_one_letter_code
;GPNPYERGPDPTEDSIEAIRGPFSVATERVSSFASGFGGGTIYYPRETDEGTFGAVAVAPGFTASQGSMSWYGERVASHG
FIVFTIDTNTRLDAPGQRGRQLLAALDYLVERSDRKVRERLDPNRLAVMGHAMGGGGSLEATVMRPSLKASIPLTPWHLD
KTWGQVQVPTFIIGAELDTIAPVSTHAKPFYESLPSSLPKAYMELCGATHFAPNIPNTTIAKYVISWLKRFVDEDTRYSQ
FLCPNPTDRAICEYRSTCPY
;
_entity_poly.pdbx_strand_id   A,B
#
loop_
_chem_comp.id
_chem_comp.type
_chem_comp.name
_chem_comp.formula
A1L0N non-polymer '4-[2-hydroxyethyloxy(oxidanyl)phosphoryl]benzoic acid' 'C9 H11 O6 P'
CA non-polymer 'CALCIUM ION' 'Ca 2'
#
# COMPACT_ATOMS: atom_id res chain seq x y z
N ASN A 3 -13.34 19.99 2.37
CA ASN A 3 -13.65 18.73 1.71
C ASN A 3 -14.92 18.86 0.88
N PRO A 4 -14.78 18.82 -0.45
CA PRO A 4 -15.94 18.99 -1.33
C PRO A 4 -16.84 17.76 -1.41
N TYR A 5 -16.37 16.62 -0.92
CA TYR A 5 -17.13 15.37 -0.97
C TYR A 5 -17.98 15.14 0.27
N GLU A 6 -17.98 16.07 1.23
CA GLU A 6 -18.79 15.92 2.42
C GLU A 6 -20.26 16.11 2.08
N ARG A 7 -21.09 15.14 2.47
CA ARG A 7 -22.52 15.16 2.23
C ARG A 7 -23.25 14.95 3.55
N GLY A 8 -24.32 15.71 3.76
CA GLY A 8 -25.16 15.53 4.92
C GLY A 8 -24.62 16.22 6.14
N PRO A 9 -25.45 16.32 7.18
CA PRO A 9 -25.06 17.05 8.39
C PRO A 9 -24.05 16.27 9.21
N ASP A 10 -23.51 16.95 10.22
CA ASP A 10 -22.50 16.34 11.08
C ASP A 10 -23.09 15.12 11.79
N PRO A 11 -22.40 14.00 11.79
CA PRO A 11 -23.00 12.75 12.29
C PRO A 11 -22.88 12.61 13.80
N THR A 12 -23.78 11.78 14.33
CA THR A 12 -23.77 11.33 15.72
C THR A 12 -23.91 9.81 15.70
N GLU A 13 -23.69 9.19 16.86
CA GLU A 13 -23.82 7.73 16.94
C GLU A 13 -25.23 7.28 16.58
N ASP A 14 -26.24 8.08 16.91
CA ASP A 14 -27.62 7.73 16.54
C ASP A 14 -27.89 7.94 15.06
N SER A 15 -27.29 8.97 14.45
CA SER A 15 -27.57 9.25 13.04
C SER A 15 -26.94 8.24 12.10
N ILE A 16 -25.92 7.50 12.53
CA ILE A 16 -25.40 6.42 11.70
C ILE A 16 -26.18 5.12 11.93
N GLU A 17 -26.89 5.01 13.06
CA GLU A 17 -27.79 3.89 13.28
C GLU A 17 -29.17 4.10 12.66
N ALA A 18 -29.46 5.32 12.20
CA ALA A 18 -30.77 5.62 11.65
C ALA A 18 -31.07 4.73 10.44
N ILE A 19 -32.24 4.11 10.45
CA ILE A 19 -32.63 3.23 9.35
C ILE A 19 -32.69 4.00 8.04
N ARG A 20 -33.05 5.28 8.10
CA ARG A 20 -33.08 6.14 6.94
C ARG A 20 -32.19 7.35 7.20
N GLY A 21 -31.24 7.59 6.29
CA GLY A 21 -30.38 8.75 6.37
C GLY A 21 -31.08 10.01 5.90
N PRO A 22 -30.31 11.09 5.70
CA PRO A 22 -30.92 12.37 5.33
C PRO A 22 -31.35 12.47 3.87
N PHE A 23 -31.00 11.52 3.02
CA PHE A 23 -31.32 11.58 1.60
C PHE A 23 -32.40 10.56 1.26
N SER A 24 -33.32 10.95 0.37
CA SER A 24 -34.32 10.04 -0.15
C SER A 24 -33.73 9.22 -1.30
N VAL A 25 -34.36 8.07 -1.57
CA VAL A 25 -33.80 7.06 -2.47
C VAL A 25 -34.75 6.83 -3.63
N ALA A 26 -34.19 6.84 -4.84
CA ALA A 26 -34.85 6.35 -6.05
C ALA A 26 -34.08 5.15 -6.57
N THR A 27 -34.73 4.33 -7.39
CA THR A 27 -34.11 3.10 -7.87
C THR A 27 -34.23 2.99 -9.38
N GLU A 28 -33.31 2.20 -9.94
CA GLU A 28 -33.33 1.85 -11.36
C GLU A 28 -32.94 0.38 -11.45
N ARG A 29 -33.69 -0.38 -12.25
CA ARG A 29 -33.41 -1.80 -12.45
C ARG A 29 -32.55 -1.98 -13.69
N VAL A 30 -31.57 -2.87 -13.61
CA VAL A 30 -30.62 -3.10 -14.71
C VAL A 30 -30.73 -4.54 -15.18
N SER A 31 -31.00 -4.72 -16.46
CA SER A 31 -31.18 -6.04 -17.04
C SER A 31 -29.99 -6.95 -16.75
N SER A 32 -30.28 -8.26 -16.59
CA SER A 32 -29.24 -9.23 -16.35
C SER A 32 -28.33 -9.44 -17.55
N PHE A 33 -28.72 -8.95 -18.72
CA PHE A 33 -27.90 -9.09 -19.92
C PHE A 33 -26.93 -7.94 -20.08
N ALA A 34 -26.75 -7.12 -19.04
CA ALA A 34 -25.68 -6.13 -19.04
C ALA A 34 -24.33 -6.83 -19.13
N SER A 35 -23.39 -6.18 -19.79
CA SER A 35 -22.10 -6.82 -20.08
C SER A 35 -21.27 -6.96 -18.80
N GLY A 36 -20.84 -8.18 -18.51
CA GLY A 36 -19.88 -8.40 -17.45
C GLY A 36 -20.47 -8.75 -16.10
N PHE A 37 -21.79 -8.67 -15.93
CA PHE A 37 -22.41 -9.07 -14.67
C PHE A 37 -23.87 -9.42 -14.92
N GLY A 38 -24.54 -9.89 -13.87
CA GLY A 38 -25.91 -10.32 -14.01
C GLY A 38 -26.96 -9.28 -13.68
N GLY A 39 -26.71 -8.02 -14.03
CA GLY A 39 -27.66 -6.98 -13.73
C GLY A 39 -27.71 -6.66 -12.25
N GLY A 40 -28.68 -5.84 -11.89
CA GLY A 40 -28.92 -5.51 -10.50
C GLY A 40 -29.83 -4.31 -10.35
N THR A 41 -29.85 -3.79 -9.12
CA THR A 41 -30.71 -2.68 -8.73
C THR A 41 -29.85 -1.57 -8.18
N ILE A 42 -29.99 -0.38 -8.76
CA ILE A 42 -29.23 0.79 -8.35
C ILE A 42 -30.11 1.63 -7.44
N TYR A 43 -29.59 1.95 -6.27
CA TYR A 43 -30.23 2.87 -5.33
C TYR A 43 -29.40 4.14 -5.30
N TYR A 44 -30.04 5.28 -5.51
CA TYR A 44 -29.30 6.54 -5.55
C TYR A 44 -30.06 7.62 -4.80
N PRO A 45 -29.35 8.58 -4.20
CA PRO A 45 -30.02 9.72 -3.58
C PRO A 45 -30.64 10.63 -4.62
N ARG A 46 -31.80 11.19 -4.29
CA ARG A 46 -32.54 12.03 -5.23
C ARG A 46 -32.15 13.50 -5.16
N GLU A 47 -31.69 13.97 -4.00
CA GLU A 47 -31.32 15.36 -3.83
C GLU A 47 -29.95 15.61 -4.46
N THR A 48 -29.89 16.57 -5.39
CA THR A 48 -28.66 16.86 -6.13
C THR A 48 -27.94 18.10 -5.65
N ASP A 49 -28.53 18.87 -4.74
CA ASP A 49 -28.03 20.19 -4.42
C ASP A 49 -26.81 20.18 -3.49
N GLU A 50 -26.36 19.02 -3.04
CA GLU A 50 -25.14 18.94 -2.23
C GLU A 50 -23.95 18.41 -3.02
N GLY A 51 -24.14 18.03 -4.27
CA GLY A 51 -23.08 17.48 -5.09
C GLY A 51 -23.34 16.03 -5.46
N THR A 52 -22.49 15.52 -6.34
CA THR A 52 -22.56 14.14 -6.77
C THR A 52 -21.99 13.22 -5.70
N PHE A 53 -22.18 11.91 -5.89
CA PHE A 53 -21.87 10.93 -4.86
C PHE A 53 -20.98 9.84 -5.42
N GLY A 54 -20.20 9.23 -4.52
CA GLY A 54 -19.51 8.01 -4.85
C GLY A 54 -20.47 6.82 -4.88
N ALA A 55 -19.96 5.68 -5.31
CA ALA A 55 -20.78 4.50 -5.52
C ALA A 55 -20.10 3.25 -4.99
N VAL A 56 -20.91 2.30 -4.53
CA VAL A 56 -20.43 1.01 -4.07
C VAL A 56 -21.24 -0.09 -4.74
N ALA A 57 -20.55 -1.07 -5.31
CA ALA A 57 -21.20 -2.25 -5.86
C ALA A 57 -21.24 -3.35 -4.80
N VAL A 58 -22.38 -4.02 -4.69
CA VAL A 58 -22.63 -4.99 -3.64
C VAL A 58 -22.87 -6.36 -4.28
N ALA A 59 -21.97 -7.32 -3.98
CA ALA A 59 -22.09 -8.64 -4.58
C ALA A 59 -22.64 -9.65 -3.58
N PRO A 60 -23.30 -10.70 -4.07
CA PRO A 60 -23.80 -11.74 -3.17
C PRO A 60 -22.87 -12.93 -3.09
N GLY A 61 -23.27 -13.94 -2.30
CA GLY A 61 -22.47 -15.12 -2.09
C GLY A 61 -22.80 -16.24 -3.06
N PHE A 62 -22.23 -17.41 -2.79
CA PHE A 62 -22.40 -18.57 -3.64
C PHE A 62 -23.86 -18.98 -3.71
N THR A 63 -24.37 -19.12 -4.94
CA THR A 63 -25.76 -19.48 -5.24
C THR A 63 -26.76 -18.42 -4.78
N ALA A 64 -26.30 -17.32 -4.20
CA ALA A 64 -27.24 -16.30 -3.75
C ALA A 64 -27.47 -15.26 -4.83
N SER A 65 -28.41 -14.36 -4.57
CA SER A 65 -28.77 -13.30 -5.52
C SER A 65 -28.85 -11.96 -4.79
N GLN A 66 -29.14 -10.91 -5.55
CA GLN A 66 -29.23 -9.58 -4.97
C GLN A 66 -30.27 -9.47 -3.87
N GLY A 67 -31.23 -10.40 -3.81
CA GLY A 67 -32.21 -10.35 -2.75
C GLY A 67 -31.57 -10.46 -1.37
N SER A 68 -30.52 -11.27 -1.26
CA SER A 68 -29.85 -11.45 0.02
C SER A 68 -29.12 -10.19 0.48
N MET A 69 -28.85 -9.26 -0.44
CA MET A 69 -28.16 -8.00 -0.13
C MET A 69 -29.08 -6.79 -0.28
N SER A 70 -30.37 -7.01 -0.45
CA SER A 70 -31.27 -5.92 -0.82
C SER A 70 -31.36 -4.85 0.25
N TRP A 71 -31.25 -5.22 1.53
CA TRP A 71 -31.49 -4.24 2.59
C TRP A 71 -30.39 -3.18 2.66
N TYR A 72 -29.21 -3.44 2.10
CA TYR A 72 -28.20 -2.41 2.00
C TYR A 72 -28.64 -1.28 1.10
N GLY A 73 -29.48 -1.57 0.12
CA GLY A 73 -29.87 -0.62 -0.91
C GLY A 73 -30.38 0.70 -0.39
N GLU A 74 -31.54 0.71 0.27
CA GLU A 74 -32.05 1.95 0.81
C GLU A 74 -31.27 2.40 2.04
N ARG A 75 -30.78 1.45 2.84
CA ARG A 75 -30.11 1.80 4.09
C ARG A 75 -28.89 2.68 3.83
N VAL A 76 -28.00 2.24 2.93
CA VAL A 76 -26.76 2.95 2.69
C VAL A 76 -26.99 4.15 1.77
N ALA A 77 -27.77 3.98 0.71
CA ALA A 77 -27.97 5.07 -0.25
C ALA A 77 -28.64 6.28 0.39
N SER A 78 -29.45 6.07 1.42
CA SER A 78 -30.09 7.19 2.10
C SER A 78 -29.09 8.02 2.91
N HIS A 79 -27.86 7.54 3.08
CA HIS A 79 -26.81 8.28 3.74
C HIS A 79 -25.86 8.96 2.77
N GLY A 80 -26.16 8.92 1.47
CA GLY A 80 -25.38 9.66 0.49
C GLY A 80 -24.43 8.84 -0.36
N PHE A 81 -24.92 7.73 -0.92
CA PHE A 81 -24.12 6.89 -1.80
C PHE A 81 -25.03 6.28 -2.85
N ILE A 82 -24.41 5.84 -3.95
CA ILE A 82 -25.11 5.11 -5.00
C ILE A 82 -24.81 3.63 -4.81
N VAL A 83 -25.83 2.85 -4.48
CA VAL A 83 -25.66 1.44 -4.12
C VAL A 83 -26.15 0.58 -5.29
N PHE A 84 -25.29 -0.34 -5.72
CA PHE A 84 -25.59 -1.23 -6.84
C PHE A 84 -25.55 -2.67 -6.32
N THR A 85 -26.71 -3.21 -5.96
CA THR A 85 -26.82 -4.61 -5.60
C THR A 85 -26.93 -5.43 -6.88
N ILE A 86 -25.98 -6.34 -7.12
CA ILE A 86 -25.88 -7.01 -8.40
C ILE A 86 -26.11 -8.51 -8.24
N ASP A 87 -26.50 -9.12 -9.35
CA ASP A 87 -26.51 -10.57 -9.52
C ASP A 87 -25.25 -10.98 -10.27
N THR A 88 -24.79 -12.19 -10.01
CA THR A 88 -23.63 -12.69 -10.74
C THR A 88 -24.05 -13.32 -12.06
N ASN A 89 -23.05 -13.60 -12.91
CA ASN A 89 -23.32 -14.21 -14.20
C ASN A 89 -24.01 -15.55 -14.05
N THR A 90 -23.45 -16.43 -13.21
CA THR A 90 -24.12 -17.65 -12.79
C THR A 90 -24.05 -17.72 -11.27
N ARG A 91 -24.97 -18.49 -10.69
CA ARG A 91 -25.01 -18.65 -9.25
C ARG A 91 -23.80 -19.41 -8.71
N LEU A 92 -23.00 -20.02 -9.57
CA LEU A 92 -21.85 -20.81 -9.14
C LEU A 92 -20.53 -20.08 -9.30
N ASP A 93 -20.56 -18.75 -9.51
CA ASP A 93 -19.36 -18.02 -9.86
C ASP A 93 -18.36 -17.97 -8.69
N ALA A 94 -17.09 -18.17 -9.02
CA ALA A 94 -16.01 -18.23 -8.04
C ALA A 94 -15.67 -16.84 -7.54
N PRO A 95 -14.89 -16.72 -6.46
CA PRO A 95 -14.55 -15.39 -5.94
C PRO A 95 -13.83 -14.51 -6.95
N GLY A 96 -12.94 -15.08 -7.75
CA GLY A 96 -12.29 -14.29 -8.79
C GLY A 96 -13.28 -13.79 -9.82
N GLN A 97 -14.28 -14.61 -10.16
CA GLN A 97 -15.29 -14.18 -11.11
C GLN A 97 -16.16 -13.07 -10.54
N ARG A 98 -16.42 -13.10 -9.24
CA ARG A 98 -17.26 -12.08 -8.63
C ARG A 98 -16.51 -10.75 -8.50
N GLY A 99 -15.18 -10.79 -8.38
CA GLY A 99 -14.41 -9.57 -8.39
C GLY A 99 -14.44 -8.88 -9.75
N ARG A 100 -14.28 -9.65 -10.83
CA ARG A 100 -14.39 -9.09 -12.17
C ARG A 100 -15.77 -8.49 -12.41
N GLN A 101 -16.81 -9.11 -11.85
CA GLN A 101 -18.16 -8.63 -12.09
C GLN A 101 -18.47 -7.39 -11.26
N LEU A 102 -17.86 -7.25 -10.09
CA LEU A 102 -18.01 -6.01 -9.33
C LEU A 102 -17.43 -4.83 -10.11
N LEU A 103 -16.28 -5.01 -10.73
CA LEU A 103 -15.71 -3.95 -11.57
C LEU A 103 -16.56 -3.70 -12.79
N ALA A 104 -17.14 -4.76 -13.37
CA ALA A 104 -18.06 -4.59 -14.49
C ALA A 104 -19.30 -3.80 -14.11
N ALA A 105 -19.82 -3.97 -12.89
CA ALA A 105 -20.95 -3.17 -12.44
C ALA A 105 -20.56 -1.70 -12.29
N LEU A 106 -19.41 -1.44 -11.67
CA LEU A 106 -18.94 -0.07 -11.51
C LEU A 106 -18.69 0.59 -12.85
N ASP A 107 -18.12 -0.16 -13.81
CA ASP A 107 -17.92 0.40 -15.14
C ASP A 107 -19.23 0.71 -15.84
N TYR A 108 -20.26 -0.10 -15.60
CA TYR A 108 -21.57 0.17 -16.20
C TYR A 108 -22.16 1.47 -15.65
N LEU A 109 -22.01 1.71 -14.34
CA LEU A 109 -22.44 2.97 -13.76
C LEU A 109 -21.79 4.16 -14.44
N VAL A 110 -20.47 4.08 -14.62
CA VAL A 110 -19.71 5.20 -15.17
C VAL A 110 -20.03 5.40 -16.65
N GLU A 111 -19.97 4.32 -17.43
CA GLU A 111 -20.00 4.45 -18.89
C GLU A 111 -21.41 4.37 -19.49
N ARG A 112 -22.32 3.60 -18.90
CA ARG A 112 -23.55 3.26 -19.58
C ARG A 112 -24.82 3.44 -18.75
N SER A 113 -24.72 3.93 -17.52
CA SER A 113 -25.91 4.02 -16.69
C SER A 113 -26.84 5.12 -17.20
N ASP A 114 -28.07 5.09 -16.69
CA ASP A 114 -29.07 6.11 -17.01
C ASP A 114 -28.58 7.48 -16.58
N ARG A 115 -28.98 8.50 -17.34
CA ARG A 115 -28.52 9.86 -17.07
C ARG A 115 -28.90 10.32 -15.67
N LYS A 116 -30.07 9.90 -15.19
CA LYS A 116 -30.46 10.22 -13.81
C LYS A 116 -29.43 9.71 -12.82
N VAL A 117 -28.77 8.61 -13.13
CA VAL A 117 -27.71 8.08 -12.27
C VAL A 117 -26.36 8.70 -12.62
N ARG A 118 -26.05 8.79 -13.92
CA ARG A 118 -24.77 9.32 -14.37
C ARG A 118 -24.50 10.70 -13.78
N GLU A 119 -25.49 11.60 -13.88
CA GLU A 119 -25.33 12.98 -13.44
C GLU A 119 -25.24 13.13 -11.93
N ARG A 120 -25.49 12.06 -11.18
CA ARG A 120 -25.33 12.09 -9.73
C ARG A 120 -24.07 11.38 -9.26
N LEU A 121 -23.27 10.87 -10.18
CA LEU A 121 -22.16 9.99 -9.87
C LEU A 121 -20.84 10.72 -10.01
N ASP A 122 -19.96 10.53 -9.02
CA ASP A 122 -18.56 10.88 -9.15
C ASP A 122 -17.82 9.63 -9.62
N PRO A 123 -17.48 9.51 -10.91
CA PRO A 123 -16.89 8.25 -11.38
C PRO A 123 -15.48 7.98 -10.86
N ASN A 124 -14.90 8.88 -10.06
CA ASN A 124 -13.58 8.67 -9.49
C ASN A 124 -13.63 8.14 -8.06
N ARG A 125 -14.82 7.99 -7.48
CA ARG A 125 -14.97 7.56 -6.10
C ARG A 125 -15.87 6.34 -6.05
N LEU A 126 -15.27 5.16 -6.16
CA LEU A 126 -15.98 3.90 -6.28
C LEU A 126 -15.48 2.92 -5.23
N ALA A 127 -16.39 2.06 -4.75
CA ALA A 127 -16.07 1.08 -3.73
C ALA A 127 -16.67 -0.27 -4.11
N VAL A 128 -16.28 -1.31 -3.37
CA VAL A 128 -16.82 -2.65 -3.56
C VAL A 128 -17.20 -3.23 -2.20
N MET A 129 -18.24 -4.07 -2.21
CA MET A 129 -18.69 -4.79 -1.02
C MET A 129 -19.29 -6.11 -1.48
N GLY A 130 -19.14 -7.15 -0.67
CA GLY A 130 -19.65 -8.45 -1.04
C GLY A 130 -19.77 -9.38 0.14
N HIS A 131 -20.69 -10.32 0.05
CA HIS A 131 -20.97 -11.29 1.10
C HIS A 131 -20.38 -12.64 0.73
N ALA A 132 -19.65 -13.25 1.67
CA ALA A 132 -19.15 -14.61 1.54
C ALA A 132 -18.22 -14.79 0.35
N MET A 133 -18.63 -15.56 -0.65
CA MET A 133 -17.84 -15.60 -1.87
C MET A 133 -17.80 -14.24 -2.55
N GLY A 134 -18.86 -13.44 -2.38
CA GLY A 134 -18.79 -12.07 -2.86
C GLY A 134 -17.81 -11.24 -2.08
N GLY A 135 -17.57 -11.60 -0.81
CA GLY A 135 -16.54 -10.95 -0.03
C GLY A 135 -15.14 -11.33 -0.48
N GLY A 136 -14.94 -12.61 -0.81
CA GLY A 136 -13.72 -12.99 -1.48
C GLY A 136 -13.56 -12.31 -2.83
N GLY A 137 -14.68 -12.00 -3.48
CA GLY A 137 -14.62 -11.21 -4.70
C GLY A 137 -14.25 -9.76 -4.45
N SER A 138 -14.64 -9.22 -3.30
CA SER A 138 -14.30 -7.85 -2.96
C SER A 138 -12.79 -7.68 -2.81
N LEU A 139 -12.13 -8.66 -2.17
CA LEU A 139 -10.67 -8.66 -2.09
C LEU A 139 -10.04 -8.81 -3.48
N GLU A 140 -10.59 -9.69 -4.31
CA GLU A 140 -10.08 -9.85 -5.67
C GLU A 140 -10.28 -8.58 -6.49
N ALA A 141 -11.35 -7.82 -6.21
CA ALA A 141 -11.60 -6.60 -6.96
C ALA A 141 -10.55 -5.53 -6.66
N THR A 142 -10.10 -5.45 -5.41
CA THR A 142 -9.09 -4.44 -5.06
C THR A 142 -7.73 -4.79 -5.63
N VAL A 143 -7.40 -6.07 -5.74
CA VAL A 143 -6.18 -6.47 -6.42
C VAL A 143 -6.28 -6.13 -7.92
N MET A 144 -7.48 -6.27 -8.48
CA MET A 144 -7.68 -6.01 -9.90
C MET A 144 -7.80 -4.53 -10.22
N ARG A 145 -8.21 -3.72 -9.25
CA ARG A 145 -8.36 -2.28 -9.46
C ARG A 145 -7.98 -1.55 -8.18
N PRO A 146 -6.67 -1.32 -7.96
CA PRO A 146 -6.23 -0.66 -6.73
C PRO A 146 -6.63 0.80 -6.63
N SER A 147 -7.34 1.36 -7.62
CA SER A 147 -7.83 2.72 -7.53
C SER A 147 -9.14 2.85 -6.79
N LEU A 148 -9.77 1.74 -6.40
CA LEU A 148 -11.00 1.81 -5.64
C LEU A 148 -10.73 2.42 -4.26
N LYS A 149 -11.76 3.07 -3.72
CA LYS A 149 -11.61 3.83 -2.48
C LYS A 149 -11.83 3.01 -1.22
N ALA A 150 -12.65 1.97 -1.26
CA ALA A 150 -12.91 1.17 -0.07
C ALA A 150 -13.41 -0.20 -0.48
N SER A 151 -13.25 -1.16 0.42
CA SER A 151 -13.62 -2.55 0.18
C SER A 151 -14.15 -3.11 1.50
N ILE A 152 -15.29 -3.79 1.42
CA ILE A 152 -15.91 -4.35 2.63
C ILE A 152 -16.29 -5.80 2.41
N PRO A 153 -15.42 -6.75 2.74
CA PRO A 153 -15.79 -8.18 2.68
C PRO A 153 -16.59 -8.57 3.91
N LEU A 154 -17.83 -9.00 3.70
CA LEU A 154 -18.74 -9.42 4.77
C LEU A 154 -18.71 -10.93 4.88
N THR A 155 -18.39 -11.43 6.08
CA THR A 155 -18.16 -12.84 6.36
C THR A 155 -17.51 -13.54 5.15
N PRO A 156 -16.34 -13.07 4.72
CA PRO A 156 -15.82 -13.50 3.42
C PRO A 156 -15.39 -14.95 3.42
N TRP A 157 -15.48 -15.55 2.23
CA TRP A 157 -14.96 -16.88 1.98
C TRP A 157 -14.01 -16.80 0.80
N HIS A 158 -12.78 -17.31 1.00
CA HIS A 158 -11.82 -17.44 -0.08
C HIS A 158 -10.86 -18.57 0.27
N LEU A 159 -10.41 -19.30 -0.76
CA LEU A 159 -9.40 -20.34 -0.56
C LEU A 159 -8.00 -19.78 -0.39
N ASP A 160 -7.74 -18.58 -0.88
CA ASP A 160 -6.42 -17.95 -0.80
C ASP A 160 -6.40 -17.00 0.39
N LYS A 161 -5.44 -17.17 1.27
CA LYS A 161 -5.48 -16.52 2.59
C LYS A 161 -4.59 -15.29 2.70
N THR A 162 -3.79 -14.98 1.69
CA THR A 162 -2.78 -13.91 1.78
C THR A 162 -3.12 -12.78 0.82
N TRP A 163 -3.23 -11.57 1.36
CA TRP A 163 -3.62 -10.38 0.62
C TRP A 163 -2.67 -9.22 0.94
N GLY A 164 -1.37 -9.50 0.88
CA GLY A 164 -0.33 -8.57 1.26
C GLY A 164 -0.04 -7.46 0.29
N GLN A 165 -0.74 -7.41 -0.85
CA GLN A 165 -0.55 -6.39 -1.86
C GLN A 165 -1.78 -5.50 -2.03
N VAL A 166 -2.68 -5.51 -1.06
CA VAL A 166 -3.91 -4.73 -1.16
C VAL A 166 -3.61 -3.27 -0.81
N GLN A 167 -4.07 -2.35 -1.66
CA GLN A 167 -3.85 -0.93 -1.45
C GLN A 167 -5.13 -0.17 -1.17
N VAL A 168 -6.26 -0.86 -1.04
CA VAL A 168 -7.56 -0.24 -0.85
C VAL A 168 -7.96 -0.42 0.60
N PRO A 169 -8.37 0.65 1.31
CA PRO A 169 -8.83 0.49 2.69
C PRO A 169 -9.93 -0.55 2.81
N THR A 170 -9.65 -1.62 3.56
CA THR A 170 -10.52 -2.79 3.61
C THR A 170 -11.07 -2.96 5.02
N PHE A 171 -12.39 -3.19 5.11
CA PHE A 171 -13.09 -3.42 6.38
C PHE A 171 -13.76 -4.80 6.31
N ILE A 172 -13.20 -5.75 7.04
CA ILE A 172 -13.68 -7.12 7.05
C ILE A 172 -14.62 -7.30 8.24
N ILE A 173 -15.79 -7.90 8.00
CA ILE A 173 -16.74 -8.22 9.06
C ILE A 173 -16.87 -9.73 9.14
N GLY A 174 -16.58 -10.28 10.32
CA GLY A 174 -16.68 -11.71 10.54
C GLY A 174 -17.79 -12.03 11.52
N ALA A 175 -18.19 -13.30 11.57
CA ALA A 175 -19.27 -13.75 12.43
C ALA A 175 -18.71 -14.78 13.41
N GLU A 176 -18.98 -14.57 14.70
CA GLU A 176 -18.42 -15.45 15.73
C GLU A 176 -18.78 -16.91 15.49
N LEU A 177 -20.02 -17.18 15.10
CA LEU A 177 -20.52 -18.54 14.93
C LEU A 177 -20.59 -18.94 13.47
N ASP A 178 -19.76 -18.33 12.63
CA ASP A 178 -19.67 -18.73 11.23
C ASP A 178 -18.90 -20.04 11.14
N THR A 179 -19.56 -21.08 10.64
CA THR A 179 -18.90 -22.37 10.42
C THR A 179 -18.80 -22.71 8.95
N ILE A 180 -19.31 -21.85 8.07
CA ILE A 180 -19.15 -22.01 6.62
C ILE A 180 -17.89 -21.30 6.12
N ALA A 181 -17.62 -20.12 6.65
CA ALA A 181 -16.36 -19.41 6.43
C ALA A 181 -15.85 -18.99 7.81
N PRO A 182 -15.36 -19.95 8.60
CA PRO A 182 -14.97 -19.62 9.97
C PRO A 182 -13.85 -18.58 9.99
N VAL A 183 -14.00 -17.61 10.90
CA VAL A 183 -13.07 -16.49 10.96
C VAL A 183 -11.65 -16.95 11.24
N SER A 184 -11.48 -18.10 11.89
CA SER A 184 -10.14 -18.58 12.23
C SER A 184 -9.36 -19.00 11.00
N THR A 185 -10.04 -19.43 9.93
CA THR A 185 -9.37 -19.81 8.69
C THR A 185 -9.71 -18.90 7.52
N HIS A 186 -10.59 -17.91 7.69
CA HIS A 186 -10.99 -17.03 6.60
C HIS A 186 -10.81 -15.56 6.95
N ALA A 187 -11.79 -14.98 7.65
CA ALA A 187 -11.81 -13.53 7.86
C ALA A 187 -10.56 -13.04 8.60
N LYS A 188 -10.17 -13.72 9.69
CA LYS A 188 -8.97 -13.27 10.41
C LYS A 188 -7.70 -13.45 9.59
N PRO A 189 -7.43 -14.60 8.95
CA PRO A 189 -6.22 -14.67 8.12
C PRO A 189 -6.16 -13.63 7.02
N PHE A 190 -7.30 -13.30 6.40
CA PHE A 190 -7.31 -12.27 5.37
C PHE A 190 -6.86 -10.93 5.95
N TYR A 191 -7.43 -10.55 7.10
CA TYR A 191 -7.15 -9.23 7.67
C TYR A 191 -5.71 -9.11 8.12
N GLU A 192 -5.21 -10.11 8.85
CA GLU A 192 -3.83 -10.06 9.33
C GLU A 192 -2.84 -10.09 8.18
N SER A 193 -3.23 -10.62 7.01
CA SER A 193 -2.35 -10.64 5.86
C SER A 193 -2.34 -9.32 5.11
N LEU A 194 -3.34 -8.47 5.33
CA LEU A 194 -3.37 -7.16 4.72
C LEU A 194 -2.15 -6.36 5.15
N PRO A 195 -1.64 -5.47 4.30
CA PRO A 195 -0.47 -4.68 4.70
C PRO A 195 -0.71 -3.92 6.01
N SER A 196 0.29 -3.98 6.89
CA SER A 196 0.20 -3.31 8.18
C SER A 196 -0.05 -1.82 8.04
N SER A 197 0.39 -1.22 6.92
CA SER A 197 0.27 0.21 6.68
C SER A 197 -1.08 0.59 6.08
N LEU A 198 -1.83 -0.36 5.55
CA LEU A 198 -3.12 -0.06 4.95
C LEU A 198 -4.11 0.38 6.03
N PRO A 199 -4.99 1.33 5.73
CA PRO A 199 -6.11 1.59 6.65
C PRO A 199 -7.07 0.41 6.60
N LYS A 200 -7.22 -0.30 7.72
CA LYS A 200 -8.02 -1.51 7.70
C LYS A 200 -8.66 -1.71 9.06
N ALA A 201 -9.67 -2.58 9.09
CA ALA A 201 -10.36 -2.91 10.33
C ALA A 201 -10.99 -4.28 10.19
N TYR A 202 -11.19 -4.93 11.33
CA TYR A 202 -11.85 -6.24 11.41
C TYR A 202 -12.85 -6.18 12.54
N MET A 203 -14.12 -6.48 12.23
CA MET A 203 -15.18 -6.47 13.23
C MET A 203 -15.83 -7.85 13.28
N GLU A 204 -15.86 -8.44 14.46
CA GLU A 204 -16.44 -9.77 14.65
C GLU A 204 -17.72 -9.62 15.49
N LEU A 205 -18.85 -10.00 14.90
CA LEU A 205 -20.13 -9.85 15.58
C LEU A 205 -20.37 -11.02 16.52
N CYS A 206 -20.80 -10.72 17.75
CA CYS A 206 -21.02 -11.76 18.74
C CYS A 206 -22.15 -12.68 18.30
N GLY A 207 -21.91 -13.99 18.41
CA GLY A 207 -22.94 -14.98 18.17
C GLY A 207 -23.55 -14.98 16.79
N ALA A 208 -22.94 -14.27 15.85
CA ALA A 208 -23.50 -14.15 14.51
C ALA A 208 -23.15 -15.37 13.66
N THR A 209 -24.04 -15.68 12.70
CA THR A 209 -23.84 -16.79 11.78
C THR A 209 -23.34 -16.25 10.44
N HIS A 210 -23.04 -17.18 9.53
CA HIS A 210 -22.55 -16.83 8.20
C HIS A 210 -23.54 -16.01 7.39
N PHE A 211 -24.79 -15.90 7.83
CA PHE A 211 -25.81 -15.22 7.07
C PHE A 211 -26.29 -13.95 7.75
N ALA A 212 -25.66 -13.57 8.85
CA ALA A 212 -25.98 -12.30 9.50
C ALA A 212 -25.94 -11.11 8.55
N PRO A 213 -25.02 -11.00 7.58
CA PRO A 213 -25.07 -9.88 6.63
C PRO A 213 -26.33 -9.85 5.77
N ASN A 214 -27.10 -10.92 5.72
CA ASN A 214 -28.29 -10.99 4.86
C ASN A 214 -29.53 -10.42 5.52
N ILE A 215 -29.49 -10.11 6.82
CA ILE A 215 -30.66 -9.52 7.47
C ILE A 215 -30.28 -8.20 8.13
N PRO A 216 -31.18 -7.22 8.16
CA PRO A 216 -30.84 -5.90 8.69
C PRO A 216 -30.15 -5.96 10.04
N ASN A 217 -29.03 -5.25 10.13
CA ASN A 217 -28.13 -5.32 11.28
C ASN A 217 -27.59 -3.92 11.50
N THR A 218 -28.00 -3.29 12.60
CA THR A 218 -27.57 -1.93 12.90
C THR A 218 -26.06 -1.85 13.09
N THR A 219 -25.48 -2.81 13.80
CA THR A 219 -24.03 -2.82 14.02
C THR A 219 -23.28 -2.93 12.70
N ILE A 220 -23.79 -3.71 11.75
CA ILE A 220 -23.20 -3.75 10.43
C ILE A 220 -23.43 -2.43 9.71
N ALA A 221 -24.67 -1.94 9.72
CA ALA A 221 -25.03 -0.76 8.95
C ALA A 221 -24.25 0.47 9.40
N LYS A 222 -24.15 0.71 10.72
CA LYS A 222 -23.54 1.94 11.20
C LYS A 222 -22.07 2.05 10.81
N TYR A 223 -21.36 0.93 10.73
CA TYR A 223 -19.93 0.95 10.44
C TYR A 223 -19.60 0.69 8.98
N VAL A 224 -20.51 0.06 8.23
CA VAL A 224 -20.39 0.10 6.78
C VAL A 224 -20.53 1.53 6.27
N ILE A 225 -21.48 2.27 6.83
CA ILE A 225 -21.67 3.66 6.44
C ILE A 225 -20.48 4.52 6.86
N SER A 226 -19.91 4.23 8.04
CA SER A 226 -18.76 5.00 8.50
C SER A 226 -17.54 4.77 7.62
N TRP A 227 -17.28 3.51 7.27
CA TRP A 227 -16.15 3.19 6.41
C TRP A 227 -16.30 3.81 5.04
N LEU A 228 -17.52 3.81 4.49
CA LEU A 228 -17.74 4.37 3.17
C LEU A 228 -17.61 5.89 3.17
N LYS A 229 -18.17 6.55 4.18
CA LYS A 229 -17.99 7.99 4.28
C LYS A 229 -16.53 8.35 4.46
N ARG A 230 -15.82 7.61 5.33
CA ARG A 230 -14.44 7.96 5.65
C ARG A 230 -13.51 7.81 4.45
N PHE A 231 -13.74 6.82 3.59
CA PHE A 231 -12.78 6.54 2.51
C PHE A 231 -13.31 6.83 1.11
N VAL A 232 -14.60 6.66 0.86
CA VAL A 232 -15.14 7.05 -0.44
C VAL A 232 -15.36 8.56 -0.52
N ASP A 233 -15.77 9.17 0.60
CA ASP A 233 -15.98 10.61 0.66
C ASP A 233 -14.85 11.33 1.36
N GLU A 234 -13.83 10.61 1.83
CA GLU A 234 -12.71 11.19 2.56
C GLU A 234 -13.19 12.01 3.75
N ASP A 235 -14.32 11.59 4.31
CA ASP A 235 -15.05 12.38 5.31
C ASP A 235 -14.52 12.04 6.70
N THR A 236 -13.67 12.91 7.24
CA THR A 236 -13.08 12.66 8.54
C THR A 236 -14.02 12.94 9.71
N ARG A 237 -15.23 13.44 9.43
CA ARG A 237 -16.25 13.52 10.48
C ARG A 237 -16.68 12.15 10.96
N TYR A 238 -16.31 11.09 10.24
CA TYR A 238 -16.68 9.73 10.59
C TYR A 238 -15.50 8.92 11.13
N SER A 239 -14.37 9.58 11.37
CA SER A 239 -13.27 8.90 12.06
C SER A 239 -13.58 8.64 13.51
N GLN A 240 -14.36 9.52 14.15
CA GLN A 240 -14.71 9.37 15.55
C GLN A 240 -15.39 8.04 15.83
N PHE A 241 -16.17 7.56 14.86
CA PHE A 241 -16.87 6.30 15.03
C PHE A 241 -15.94 5.11 14.82
N LEU A 242 -14.91 5.28 14.00
CA LEU A 242 -14.03 4.18 13.65
C LEU A 242 -12.79 4.12 14.53
N CYS A 243 -12.32 5.25 15.04
CA CYS A 243 -11.13 5.30 15.86
C CYS A 243 -11.41 6.15 17.09
N PRO A 244 -11.07 5.67 18.30
CA PRO A 244 -10.51 4.33 18.51
C PRO A 244 -11.54 3.21 18.29
N ASN A 245 -11.09 1.97 18.47
CA ASN A 245 -11.87 0.81 18.07
C ASN A 245 -13.24 0.80 18.76
N PRO A 246 -14.32 0.58 18.02
CA PRO A 246 -15.65 0.53 18.65
C PRO A 246 -15.75 -0.56 19.70
N THR A 247 -16.64 -0.33 20.67
CA THR A 247 -16.86 -1.26 21.76
C THR A 247 -18.34 -1.60 21.92
N ASP A 248 -19.08 -1.61 20.81
CA ASP A 248 -20.48 -2.00 20.83
C ASP A 248 -20.64 -3.38 21.46
N ARG A 249 -21.73 -3.57 22.19
CA ARG A 249 -21.97 -4.86 22.83
C ARG A 249 -22.07 -5.97 21.80
N ALA A 250 -22.51 -5.66 20.58
CA ALA A 250 -22.64 -6.68 19.54
C ALA A 250 -21.30 -7.16 19.01
N ILE A 251 -20.23 -6.41 19.27
CA ILE A 251 -18.90 -6.73 18.75
C ILE A 251 -18.15 -7.59 19.75
N CYS A 252 -17.62 -8.72 19.27
CA CYS A 252 -16.84 -9.62 20.10
C CYS A 252 -15.35 -9.51 19.87
N GLU A 253 -14.93 -8.93 18.75
CA GLU A 253 -13.51 -8.74 18.47
C GLU A 253 -13.37 -7.62 17.44
N TYR A 254 -12.54 -6.63 17.76
CA TYR A 254 -12.26 -5.54 16.83
C TYR A 254 -10.75 -5.36 16.72
N ARG A 255 -10.27 -5.22 15.49
CA ARG A 255 -8.86 -5.02 15.19
C ARG A 255 -8.76 -3.95 14.11
N SER A 256 -7.75 -3.08 14.20
CA SER A 256 -7.64 -1.98 13.25
C SER A 256 -6.21 -1.47 13.21
N THR A 257 -5.98 -0.56 12.27
CA THR A 257 -4.75 0.20 12.17
C THR A 257 -5.02 1.68 12.43
N CYS A 258 -5.88 1.97 13.42
CA CYS A 258 -6.13 3.33 13.85
C CYS A 258 -4.82 3.97 14.30
N PRO A 259 -4.72 5.31 14.26
CA PRO A 259 -5.75 6.28 13.90
C PRO A 259 -5.85 6.59 12.42
N TYR A 260 -7.09 6.80 11.98
CA TYR A 260 -7.38 7.35 10.68
C TYR A 260 -8.79 7.94 10.70
N ASN B 3 41.09 2.96 -8.63
CA ASN B 3 40.01 3.07 -7.65
C ASN B 3 40.23 2.12 -6.49
N PRO B 4 40.59 2.65 -5.33
CA PRO B 4 40.82 1.81 -4.15
C PRO B 4 39.56 1.27 -3.50
N TYR B 5 38.38 1.64 -4.01
CA TYR B 5 37.11 1.24 -3.42
C TYR B 5 36.46 0.07 -4.15
N GLU B 6 37.07 -0.42 -5.21
CA GLU B 6 36.52 -1.56 -5.95
C GLU B 6 36.60 -2.82 -5.10
N ARG B 7 35.46 -3.50 -4.97
CA ARG B 7 35.40 -4.79 -4.29
C ARG B 7 34.80 -5.81 -5.23
N GLY B 8 35.22 -7.06 -5.09
CA GLY B 8 34.65 -8.13 -5.86
C GLY B 8 35.10 -8.13 -7.30
N PRO B 9 34.93 -9.27 -7.97
CA PRO B 9 35.39 -9.39 -9.35
C PRO B 9 34.58 -8.51 -10.29
N ASP B 10 35.03 -8.49 -11.54
CA ASP B 10 34.37 -7.69 -12.56
C ASP B 10 32.93 -8.15 -12.70
N PRO B 11 31.98 -7.23 -12.88
CA PRO B 11 30.57 -7.61 -12.90
C PRO B 11 30.10 -8.07 -14.26
N THR B 12 29.06 -8.91 -14.23
CA THR B 12 28.26 -9.26 -15.39
C THR B 12 26.79 -9.07 -15.04
N GLU B 13 25.93 -9.16 -16.05
CA GLU B 13 24.50 -9.01 -15.82
C GLU B 13 23.96 -10.13 -14.94
N ASP B 14 24.56 -11.32 -15.01
CA ASP B 14 24.15 -12.43 -14.16
C ASP B 14 24.67 -12.29 -12.73
N SER B 15 25.84 -11.66 -12.56
CA SER B 15 26.40 -11.52 -11.21
C SER B 15 25.59 -10.54 -10.37
N ILE B 16 25.09 -9.47 -10.98
CA ILE B 16 24.30 -8.51 -10.22
C ILE B 16 22.90 -9.05 -9.95
N GLU B 17 22.41 -9.96 -10.79
CA GLU B 17 21.11 -10.60 -10.59
C GLU B 17 21.15 -11.71 -9.54
N ALA B 18 22.33 -12.13 -9.10
CA ALA B 18 22.43 -13.26 -8.18
C ALA B 18 21.87 -12.91 -6.81
N ILE B 19 21.28 -13.91 -6.16
CA ILE B 19 20.69 -13.69 -4.85
C ILE B 19 21.76 -13.48 -3.79
N ARG B 20 22.91 -14.12 -3.95
CA ARG B 20 24.04 -13.96 -3.05
C ARG B 20 25.22 -13.43 -3.84
N GLY B 21 25.82 -12.35 -3.33
CA GLY B 21 26.98 -11.78 -3.97
C GLY B 21 28.23 -12.56 -3.63
N PRO B 22 29.40 -12.00 -3.96
CA PRO B 22 30.65 -12.73 -3.71
C PRO B 22 31.08 -12.74 -2.24
N PHE B 23 30.44 -11.96 -1.37
CA PHE B 23 30.83 -11.89 0.04
C PHE B 23 29.83 -12.65 0.92
N SER B 24 30.36 -13.23 1.99
CA SER B 24 29.49 -13.84 3.01
C SER B 24 29.18 -12.81 4.08
N VAL B 25 27.99 -12.94 4.67
CA VAL B 25 27.41 -11.89 5.50
C VAL B 25 27.20 -12.43 6.91
N ALA B 26 27.58 -11.62 7.90
CA ALA B 26 27.19 -11.80 9.29
C ALA B 26 26.31 -10.63 9.70
N THR B 27 25.69 -10.74 10.88
CA THR B 27 24.77 -9.73 11.35
C THR B 27 25.12 -9.30 12.75
N GLU B 28 24.45 -8.24 13.18
CA GLU B 28 24.66 -7.66 14.51
C GLU B 28 23.43 -6.84 14.84
N ARG B 29 22.75 -7.19 15.92
CA ARG B 29 21.48 -6.55 16.29
C ARG B 29 21.72 -5.28 17.09
N VAL B 30 20.97 -4.23 16.75
CA VAL B 30 21.09 -2.93 17.41
C VAL B 30 19.80 -2.65 18.16
N SER B 31 19.92 -2.38 19.45
CA SER B 31 18.76 -2.18 20.30
C SER B 31 18.01 -0.92 19.94
N SER B 32 16.69 -0.94 20.17
CA SER B 32 15.84 0.19 19.82
C SER B 32 16.09 1.41 20.69
N PHE B 33 16.83 1.29 21.77
CA PHE B 33 17.13 2.42 22.63
C PHE B 33 18.40 3.15 22.22
N ALA B 34 18.96 2.82 21.06
CA ALA B 34 20.00 3.64 20.47
C ALA B 34 19.46 5.04 20.16
N SER B 35 20.35 6.01 20.09
CA SER B 35 19.95 7.41 19.99
C SER B 35 19.54 7.75 18.56
N GLY B 36 18.39 8.41 18.42
CA GLY B 36 17.99 9.00 17.16
C GLY B 36 17.22 8.09 16.22
N PHE B 37 17.11 6.80 16.52
CA PHE B 37 16.33 5.90 15.69
C PHE B 37 15.94 4.70 16.54
N GLY B 38 15.18 3.78 15.94
CA GLY B 38 14.63 2.67 16.71
C GLY B 38 15.38 1.36 16.57
N GLY B 39 16.71 1.43 16.53
CA GLY B 39 17.51 0.23 16.44
C GLY B 39 17.42 -0.39 15.06
N GLY B 40 17.97 -1.58 14.94
CA GLY B 40 17.91 -2.30 13.68
C GLY B 40 18.89 -3.45 13.64
N THR B 41 19.10 -3.95 12.43
CA THR B 41 19.99 -5.08 12.18
C THR B 41 21.06 -4.66 11.17
N ILE B 42 22.31 -4.89 11.52
CA ILE B 42 23.44 -4.55 10.66
C ILE B 42 23.90 -5.82 9.96
N TYR B 43 23.80 -5.83 8.63
CA TYR B 43 24.35 -6.88 7.80
C TYR B 43 25.67 -6.37 7.23
N TYR B 44 26.74 -7.14 7.42
CA TYR B 44 28.05 -6.70 6.95
C TYR B 44 28.81 -7.88 6.36
N PRO B 45 29.61 -7.62 5.32
CA PRO B 45 30.44 -8.70 4.76
C PRO B 45 31.47 -9.18 5.77
N ARG B 46 31.79 -10.46 5.70
CA ARG B 46 32.68 -11.07 6.68
C ARG B 46 34.15 -11.00 6.29
N GLU B 47 34.46 -11.00 5.00
CA GLU B 47 35.86 -10.98 4.55
C GLU B 47 36.39 -9.56 4.54
N THR B 48 37.56 -9.37 5.17
CA THR B 48 38.13 -8.04 5.38
C THR B 48 39.33 -7.77 4.47
N ASP B 49 39.74 -8.71 3.64
CA ASP B 49 41.01 -8.65 2.95
C ASP B 49 40.93 -7.93 1.61
N GLU B 50 39.82 -7.26 1.30
CA GLU B 50 39.74 -6.40 0.14
C GLU B 50 39.62 -4.93 0.51
N GLY B 51 39.65 -4.60 1.79
CA GLY B 51 39.48 -3.24 2.26
C GLY B 51 38.17 -3.08 3.03
N THR B 52 37.94 -1.85 3.48
CA THR B 52 36.70 -1.51 4.15
C THR B 52 35.60 -1.22 3.13
N PHE B 53 34.36 -1.15 3.62
CA PHE B 53 33.20 -1.04 2.75
C PHE B 53 32.38 0.19 3.12
N GLY B 54 31.62 0.67 2.13
CA GLY B 54 30.63 1.69 2.36
C GLY B 54 29.39 1.15 3.07
N ALA B 55 28.50 2.06 3.43
CA ALA B 55 27.34 1.70 4.25
C ALA B 55 26.09 2.39 3.72
N VAL B 56 24.97 1.67 3.79
CA VAL B 56 23.66 2.20 3.42
C VAL B 56 22.69 1.92 4.56
N ALA B 57 21.93 2.94 4.95
CA ALA B 57 20.87 2.81 5.95
C ALA B 57 19.53 2.72 5.25
N VAL B 58 18.72 1.72 5.61
CA VAL B 58 17.49 1.40 4.90
C VAL B 58 16.31 1.65 5.83
N ALA B 59 15.37 2.51 5.39
CA ALA B 59 14.25 2.90 6.22
C ALA B 59 12.95 2.28 5.74
N PRO B 60 12.06 1.91 6.65
CA PRO B 60 10.77 1.36 6.24
C PRO B 60 9.73 2.44 6.01
N GLY B 61 8.54 2.03 5.60
CA GLY B 61 7.45 2.97 5.37
C GLY B 61 6.65 3.27 6.63
N PHE B 62 5.61 4.06 6.43
CA PHE B 62 4.72 4.46 7.51
C PHE B 62 4.03 3.24 8.11
N THR B 63 4.01 3.18 9.45
CA THR B 63 3.59 1.99 10.20
C THR B 63 4.13 0.72 9.57
N ALA B 64 5.45 0.62 9.56
CA ALA B 64 6.15 -0.57 9.08
C ALA B 64 7.45 -0.69 9.85
N SER B 65 8.08 -1.86 9.75
CA SER B 65 9.30 -2.12 10.49
C SER B 65 10.34 -2.69 9.55
N GLN B 66 11.55 -2.89 10.08
CA GLN B 66 12.64 -3.41 9.26
C GLN B 66 12.31 -4.75 8.62
N GLY B 67 11.36 -5.50 9.19
CA GLY B 67 10.96 -6.74 8.57
C GLY B 67 10.52 -6.59 7.14
N SER B 68 9.83 -5.49 6.81
CA SER B 68 9.44 -5.22 5.44
C SER B 68 10.61 -4.94 4.52
N MET B 69 11.83 -4.76 5.05
CA MET B 69 13.00 -4.43 4.24
C MET B 69 14.12 -5.45 4.41
N SER B 70 13.89 -6.53 5.15
CA SER B 70 14.96 -7.42 5.54
C SER B 70 15.60 -8.16 4.37
N TRP B 71 14.92 -8.27 3.23
CA TRP B 71 15.51 -9.01 2.13
C TRP B 71 16.62 -8.23 1.46
N TYR B 72 16.67 -6.91 1.68
CA TYR B 72 17.83 -6.13 1.25
C TYR B 72 19.07 -6.46 2.05
N GLY B 73 18.91 -6.94 3.29
CA GLY B 73 20.02 -7.19 4.18
C GLY B 73 21.13 -8.05 3.61
N GLU B 74 20.89 -9.34 3.42
CA GLU B 74 21.93 -10.21 2.91
C GLU B 74 22.08 -10.12 1.40
N ARG B 75 21.05 -9.65 0.70
CA ARG B 75 21.15 -9.49 -0.74
C ARG B 75 22.24 -8.49 -1.10
N VAL B 76 22.10 -7.26 -0.61
CA VAL B 76 23.02 -6.19 -0.99
C VAL B 76 24.35 -6.32 -0.26
N ALA B 77 24.33 -6.67 1.03
CA ALA B 77 25.56 -6.75 1.79
C ALA B 77 26.50 -7.83 1.28
N SER B 78 25.96 -8.87 0.63
CA SER B 78 26.82 -9.91 0.08
C SER B 78 27.60 -9.43 -1.13
N HIS B 79 27.25 -8.26 -1.69
CA HIS B 79 27.95 -7.72 -2.83
C HIS B 79 29.01 -6.70 -2.44
N GLY B 80 29.18 -6.42 -1.14
CA GLY B 80 30.27 -5.58 -0.70
C GLY B 80 29.85 -4.29 -0.01
N PHE B 81 28.72 -4.32 0.69
CA PHE B 81 28.21 -3.14 1.37
C PHE B 81 27.79 -3.50 2.78
N ILE B 82 27.71 -2.48 3.64
CA ILE B 82 27.16 -2.62 4.98
C ILE B 82 25.74 -2.07 4.95
N VAL B 83 24.76 -2.91 5.28
CA VAL B 83 23.34 -2.59 5.14
C VAL B 83 22.72 -2.54 6.53
N PHE B 84 22.00 -1.46 6.81
CA PHE B 84 21.41 -1.21 8.13
C PHE B 84 19.90 -1.01 7.96
N THR B 85 19.13 -2.09 8.07
CA THR B 85 17.68 -2.00 8.08
C THR B 85 17.23 -1.55 9.47
N ILE B 86 16.59 -0.39 9.54
CA ILE B 86 16.30 0.22 10.82
C ILE B 86 14.80 0.26 11.04
N ASP B 87 14.43 0.31 12.31
CA ASP B 87 13.08 0.66 12.73
C ASP B 87 13.04 2.12 13.16
N THR B 88 11.88 2.75 13.03
CA THR B 88 11.76 4.14 13.41
C THR B 88 11.38 4.25 14.88
N ASN B 89 11.39 5.49 15.39
CA ASN B 89 11.00 5.73 16.77
C ASN B 89 9.54 5.35 17.02
N THR B 90 8.64 5.88 16.19
CA THR B 90 7.23 5.50 16.23
C THR B 90 6.79 5.08 14.83
N ARG B 91 5.65 4.41 14.76
CA ARG B 91 5.11 3.96 13.49
C ARG B 91 4.56 5.10 12.64
N LEU B 92 4.24 6.23 13.26
CA LEU B 92 3.62 7.34 12.57
C LEU B 92 4.63 8.39 12.10
N ASP B 93 5.92 8.12 12.25
CA ASP B 93 6.96 9.11 11.96
C ASP B 93 6.86 9.60 10.52
N ALA B 94 6.89 10.92 10.35
CA ALA B 94 6.78 11.56 9.06
C ALA B 94 8.09 11.41 8.27
N PRO B 95 8.06 11.70 6.95
CA PRO B 95 9.30 11.59 6.16
C PRO B 95 10.46 12.44 6.68
N GLY B 96 10.16 13.63 7.21
CA GLY B 96 11.21 14.44 7.79
C GLY B 96 11.87 13.75 8.96
N GLN B 97 11.09 13.06 9.79
CA GLN B 97 11.66 12.36 10.93
C GLN B 97 12.43 11.13 10.47
N ARG B 98 11.89 10.40 9.49
CA ARG B 98 12.63 9.26 8.94
C ARG B 98 13.95 9.72 8.31
N GLY B 99 13.98 10.93 7.75
CA GLY B 99 15.24 11.47 7.26
C GLY B 99 16.27 11.62 8.37
N ARG B 100 15.87 12.22 9.48
CA ARG B 100 16.77 12.38 10.62
C ARG B 100 17.20 11.04 11.18
N GLN B 101 16.28 10.08 11.26
CA GLN B 101 16.61 8.79 11.86
C GLN B 101 17.51 7.97 10.94
N LEU B 102 17.44 8.19 9.63
CA LEU B 102 18.42 7.58 8.74
C LEU B 102 19.82 8.09 9.04
N LEU B 103 19.96 9.40 9.26
CA LEU B 103 21.27 9.98 9.56
C LEU B 103 21.79 9.50 10.92
N ALA B 104 20.90 9.39 11.91
CA ALA B 104 21.32 8.92 13.22
C ALA B 104 21.75 7.45 13.18
N ALA B 105 21.21 6.68 12.23
CA ALA B 105 21.64 5.30 12.10
C ALA B 105 23.03 5.22 11.48
N LEU B 106 23.30 6.06 10.47
CA LEU B 106 24.65 6.16 9.92
C LEU B 106 25.64 6.64 10.97
N ASP B 107 25.27 7.66 11.74
CA ASP B 107 26.15 8.16 12.78
C ASP B 107 26.42 7.11 13.83
N TYR B 108 25.45 6.22 14.10
CA TYR B 108 25.70 5.11 15.00
C TYR B 108 26.74 4.16 14.43
N LEU B 109 26.60 3.80 13.15
CA LEU B 109 27.59 2.94 12.51
C LEU B 109 28.99 3.52 12.63
N VAL B 110 29.11 4.84 12.51
CA VAL B 110 30.42 5.49 12.47
C VAL B 110 31.00 5.63 13.87
N GLU B 111 30.19 6.10 14.82
CA GLU B 111 30.70 6.49 16.13
C GLU B 111 30.58 5.41 17.19
N ARG B 112 29.57 4.54 17.11
CA ARG B 112 29.20 3.74 18.27
C ARG B 112 28.93 2.28 17.95
N SER B 113 29.13 1.85 16.71
CA SER B 113 28.86 0.46 16.34
C SER B 113 29.86 -0.49 17.00
N ASP B 114 29.51 -1.77 17.01
CA ASP B 114 30.44 -2.80 17.43
C ASP B 114 31.69 -2.75 16.56
N ARG B 115 32.86 -2.98 17.16
CA ARG B 115 34.11 -2.87 16.41
C ARG B 115 34.19 -3.86 15.24
N LYS B 116 33.48 -4.99 15.30
CA LYS B 116 33.41 -5.86 14.14
C LYS B 116 32.81 -5.13 12.95
N VAL B 117 31.91 -4.18 13.20
CA VAL B 117 31.36 -3.36 12.14
C VAL B 117 32.27 -2.17 11.86
N ARG B 118 32.84 -1.57 12.91
CA ARG B 118 33.65 -0.37 12.76
C ARG B 118 34.91 -0.64 11.94
N GLU B 119 35.56 -1.78 12.19
CA GLU B 119 36.79 -2.13 11.48
C GLU B 119 36.57 -2.45 10.02
N ARG B 120 35.31 -2.57 9.58
CA ARG B 120 35.00 -2.84 8.19
C ARG B 120 34.40 -1.63 7.49
N LEU B 121 34.16 -0.55 8.21
CA LEU B 121 33.43 0.61 7.69
C LEU B 121 34.39 1.66 7.18
N ASP B 122 34.05 2.23 6.01
CA ASP B 122 34.64 3.46 5.52
C ASP B 122 33.69 4.58 5.88
N PRO B 123 33.94 5.33 6.96
CA PRO B 123 32.94 6.32 7.40
C PRO B 123 32.74 7.48 6.45
N ASN B 124 33.52 7.58 5.37
CA ASN B 124 33.35 8.66 4.41
C ASN B 124 32.48 8.28 3.23
N ARG B 125 32.03 7.03 3.16
CA ARG B 125 31.25 6.53 2.02
C ARG B 125 29.95 5.95 2.57
N LEU B 126 28.94 6.80 2.69
CA LEU B 126 27.65 6.45 3.26
C LEU B 126 26.53 6.77 2.30
N ALA B 127 25.42 6.05 2.42
CA ALA B 127 24.26 6.25 1.56
C ALA B 127 22.99 6.02 2.37
N VAL B 128 21.85 6.30 1.75
CA VAL B 128 20.53 6.10 2.35
C VAL B 128 19.61 5.43 1.35
N MET B 129 18.67 4.64 1.87
CA MET B 129 17.64 4.00 1.06
C MET B 129 16.39 3.90 1.91
N GLY B 130 15.23 3.98 1.26
CA GLY B 130 13.98 3.95 2.01
C GLY B 130 12.81 3.55 1.13
N HIS B 131 11.81 2.94 1.76
CA HIS B 131 10.58 2.58 1.09
C HIS B 131 9.46 3.51 1.53
N ALA B 132 8.69 3.99 0.56
CA ALA B 132 7.44 4.73 0.82
C ALA B 132 7.77 6.00 1.60
N MET B 133 7.19 6.22 2.78
CA MET B 133 7.59 7.39 3.57
C MET B 133 9.05 7.35 3.92
N GLY B 134 9.63 6.15 4.03
CA GLY B 134 11.07 6.05 4.15
C GLY B 134 11.79 6.53 2.91
N GLY B 135 11.16 6.37 1.74
CA GLY B 135 11.72 6.95 0.52
C GLY B 135 11.65 8.46 0.51
N GLY B 136 10.58 9.02 1.08
CA GLY B 136 10.56 10.45 1.36
C GLY B 136 11.64 10.83 2.35
N GLY B 137 11.91 9.96 3.32
CA GLY B 137 12.99 10.22 4.25
C GLY B 137 14.34 10.11 3.62
N SER B 138 14.47 9.32 2.57
CA SER B 138 15.73 9.23 1.84
C SER B 138 16.03 10.55 1.11
N LEU B 139 15.01 11.15 0.51
CA LEU B 139 15.16 12.47 -0.09
C LEU B 139 15.46 13.52 0.98
N GLU B 140 14.78 13.43 2.13
CA GLU B 140 15.02 14.38 3.21
C GLU B 140 16.44 14.28 3.73
N ALA B 141 16.95 13.05 3.87
CA ALA B 141 18.28 12.85 4.43
C ALA B 141 19.37 13.47 3.55
N THR B 142 19.15 13.51 2.24
CA THR B 142 20.17 14.08 1.36
C THR B 142 20.17 15.60 1.41
N VAL B 143 19.03 16.22 1.70
CA VAL B 143 19.00 17.65 1.92
C VAL B 143 19.66 17.99 3.24
N MET B 144 19.52 17.12 4.25
CA MET B 144 20.10 17.37 5.55
C MET B 144 21.58 17.04 5.63
N ARG B 145 22.09 16.25 4.69
CA ARG B 145 23.50 15.85 4.69
C ARG B 145 23.93 15.62 3.25
N PRO B 146 24.38 16.67 2.56
CA PRO B 146 24.73 16.53 1.13
C PRO B 146 25.99 15.72 0.88
N SER B 147 26.74 15.35 1.92
CA SER B 147 27.93 14.53 1.76
C SER B 147 27.61 13.06 1.55
N LEU B 148 26.33 12.67 1.56
CA LEU B 148 25.98 11.29 1.24
C LEU B 148 26.33 10.98 -0.20
N LYS B 149 26.77 9.74 -0.43
CA LYS B 149 27.25 9.34 -1.75
C LYS B 149 26.13 8.91 -2.69
N ALA B 150 25.03 8.36 -2.16
CA ALA B 150 23.95 7.87 -3.00
C ALA B 150 22.65 7.89 -2.21
N SER B 151 21.54 7.80 -2.95
CA SER B 151 20.21 7.88 -2.35
C SER B 151 19.23 7.12 -3.24
N ILE B 152 18.43 6.25 -2.64
CA ILE B 152 17.49 5.41 -3.39
C ILE B 152 16.12 5.42 -2.73
N PRO B 153 15.18 6.25 -3.18
CA PRO B 153 13.80 6.21 -2.66
C PRO B 153 12.98 5.16 -3.40
N LEU B 154 12.52 4.16 -2.66
CA LEU B 154 11.72 3.07 -3.20
C LEU B 154 10.25 3.40 -3.04
N THR B 155 9.53 3.48 -4.16
CA THR B 155 8.14 3.91 -4.24
C THR B 155 7.87 5.01 -3.20
N PRO B 156 8.56 6.15 -3.30
CA PRO B 156 8.54 7.13 -2.21
C PRO B 156 7.21 7.85 -2.09
N TRP B 157 6.95 8.32 -0.88
CA TRP B 157 5.78 9.13 -0.55
C TRP B 157 6.26 10.40 0.13
N HIS B 158 5.85 11.55 -0.41
CA HIS B 158 6.17 12.83 0.21
C HIS B 158 5.18 13.88 -0.28
N LEU B 159 4.70 14.70 0.65
CA LEU B 159 3.82 15.81 0.32
C LEU B 159 4.53 16.83 -0.56
N ASP B 160 5.82 17.06 -0.32
CA ASP B 160 6.56 18.12 -1.00
C ASP B 160 7.18 17.57 -2.28
N LYS B 161 6.92 18.25 -3.39
CA LYS B 161 7.21 17.70 -4.72
C LYS B 161 8.45 18.32 -5.37
N THR B 162 9.06 19.34 -4.77
CA THR B 162 10.20 20.03 -5.36
C THR B 162 11.46 19.67 -4.60
N TRP B 163 12.45 19.14 -5.31
CA TRP B 163 13.72 18.70 -4.71
C TRP B 163 14.90 19.19 -5.53
N GLY B 164 14.85 20.47 -5.92
CA GLY B 164 15.87 21.09 -6.75
C GLY B 164 17.16 21.46 -6.06
N GLN B 165 17.31 21.16 -4.77
CA GLN B 165 18.54 21.42 -4.04
C GLN B 165 19.30 20.14 -3.70
N VAL B 166 18.84 19.00 -4.19
CA VAL B 166 19.48 17.74 -3.88
C VAL B 166 20.79 17.63 -4.66
N GLN B 167 21.86 17.24 -3.95
CA GLN B 167 23.18 17.10 -4.55
C GLN B 167 23.70 15.67 -4.50
N VAL B 168 22.90 14.73 -4.03
CA VAL B 168 23.31 13.33 -3.90
C VAL B 168 22.74 12.55 -5.08
N PRO B 169 23.52 11.70 -5.75
CA PRO B 169 22.96 10.89 -6.84
C PRO B 169 21.77 10.06 -6.35
N THR B 170 20.64 10.23 -7.02
CA THR B 170 19.38 9.71 -6.54
C THR B 170 18.74 8.78 -7.58
N PHE B 171 18.40 7.57 -7.14
CA PHE B 171 17.73 6.55 -7.96
C PHE B 171 16.33 6.34 -7.39
N ILE B 172 15.31 6.82 -8.11
CA ILE B 172 13.92 6.69 -7.69
C ILE B 172 13.29 5.52 -8.42
N ILE B 173 12.70 4.60 -7.66
CA ILE B 173 12.02 3.44 -8.23
C ILE B 173 10.52 3.60 -7.99
N GLY B 174 9.74 3.52 -9.07
CA GLY B 174 8.31 3.66 -8.98
C GLY B 174 7.60 2.39 -9.40
N ALA B 175 6.35 2.24 -9.00
CA ALA B 175 5.53 1.09 -9.33
C ALA B 175 4.34 1.54 -10.15
N GLU B 176 4.13 0.90 -11.30
CA GLU B 176 3.12 1.33 -12.25
C GLU B 176 1.75 1.46 -11.58
N LEU B 177 1.35 0.42 -10.83
CA LEU B 177 0.00 0.36 -10.26
C LEU B 177 -0.04 0.85 -8.82
N ASP B 178 0.93 1.64 -8.41
CA ASP B 178 0.95 2.22 -7.07
C ASP B 178 -0.16 3.28 -6.97
N THR B 179 -1.09 3.08 -6.03
CA THR B 179 -2.13 4.06 -5.78
C THR B 179 -2.04 4.67 -4.38
N ILE B 180 -1.16 4.15 -3.53
CA ILE B 180 -0.91 4.78 -2.26
C ILE B 180 0.02 5.98 -2.44
N ALA B 181 1.14 5.78 -3.15
CA ALA B 181 2.04 6.84 -3.58
C ALA B 181 2.10 6.77 -5.10
N PRO B 182 1.11 7.32 -5.80
CA PRO B 182 1.07 7.18 -7.26
C PRO B 182 2.23 7.90 -7.92
N VAL B 183 2.77 7.27 -8.97
CA VAL B 183 3.98 7.80 -9.59
C VAL B 183 3.71 9.14 -10.25
N SER B 184 2.49 9.36 -10.73
CA SER B 184 2.17 10.62 -11.38
C SER B 184 2.16 11.80 -10.42
N THR B 185 1.99 11.54 -9.12
CA THR B 185 2.00 12.62 -8.13
C THR B 185 3.11 12.51 -7.10
N HIS B 186 3.84 11.40 -7.07
CA HIS B 186 4.94 11.26 -6.13
C HIS B 186 6.24 10.99 -6.86
N ALA B 187 6.46 9.75 -7.32
CA ALA B 187 7.76 9.33 -7.82
C ALA B 187 8.22 10.18 -9.00
N LYS B 188 7.34 10.44 -9.95
CA LYS B 188 7.75 11.16 -11.15
C LYS B 188 7.98 12.65 -10.87
N PRO B 189 7.11 13.34 -10.14
CA PRO B 189 7.44 14.73 -9.77
C PRO B 189 8.74 14.85 -9.00
N PHE B 190 9.04 13.90 -8.10
CA PHE B 190 10.29 13.96 -7.35
C PHE B 190 11.49 13.91 -8.30
N TYR B 191 11.45 12.99 -9.27
CA TYR B 191 12.58 12.82 -10.17
C TYR B 191 12.77 14.02 -11.07
N GLU B 192 11.68 14.56 -11.61
CA GLU B 192 11.78 15.67 -12.54
C GLU B 192 12.19 16.98 -11.87
N SER B 193 11.98 17.10 -10.56
CA SER B 193 12.40 18.29 -9.83
C SER B 193 13.83 18.17 -9.31
N LEU B 194 14.40 16.97 -9.32
CA LEU B 194 15.82 16.82 -9.07
C LEU B 194 16.60 17.63 -10.12
N PRO B 195 17.73 18.21 -9.74
CA PRO B 195 18.50 19.02 -10.72
C PRO B 195 18.88 18.19 -11.93
N SER B 196 18.71 18.80 -13.10
CA SER B 196 19.03 18.10 -14.35
C SER B 196 20.52 17.81 -14.46
N SER B 197 21.35 18.47 -13.66
CA SER B 197 22.79 18.23 -13.64
C SER B 197 23.19 17.11 -12.70
N LEU B 198 22.24 16.53 -11.97
CA LEU B 198 22.51 15.51 -10.97
C LEU B 198 22.56 14.13 -11.64
N PRO B 199 23.48 13.26 -11.24
CA PRO B 199 23.40 11.87 -11.66
C PRO B 199 22.16 11.23 -11.07
N LYS B 200 21.16 10.94 -11.91
CA LYS B 200 19.87 10.50 -11.40
C LYS B 200 19.24 9.54 -12.39
N ALA B 201 18.28 8.76 -11.90
CA ALA B 201 17.61 7.76 -12.71
C ALA B 201 16.25 7.47 -12.12
N TYR B 202 15.31 7.08 -12.98
CA TYR B 202 13.96 6.70 -12.58
C TYR B 202 13.61 5.40 -13.28
N MET B 203 13.15 4.42 -12.50
CA MET B 203 12.76 3.12 -13.03
C MET B 203 11.36 2.79 -12.55
N GLU B 204 10.45 2.58 -13.49
CA GLU B 204 9.06 2.22 -13.18
C GLU B 204 8.86 0.74 -13.49
N LEU B 205 8.40 -0.01 -12.50
CA LEU B 205 8.19 -1.45 -12.65
C LEU B 205 6.78 -1.72 -13.15
N CYS B 206 6.67 -2.48 -14.23
CA CYS B 206 5.37 -2.81 -14.81
C CYS B 206 4.51 -3.56 -13.81
N GLY B 207 3.24 -3.16 -13.70
CA GLY B 207 2.26 -3.87 -12.91
C GLY B 207 2.56 -4.00 -11.43
N ALA B 208 3.66 -3.41 -10.97
CA ALA B 208 4.02 -3.54 -9.56
C ALA B 208 3.09 -2.68 -8.69
N THR B 209 3.01 -3.06 -7.43
CA THR B 209 2.21 -2.34 -6.45
C THR B 209 3.13 -1.52 -5.56
N HIS B 210 2.53 -0.76 -4.65
CA HIS B 210 3.28 0.02 -3.68
C HIS B 210 4.18 -0.85 -2.81
N PHE B 211 3.91 -2.15 -2.74
CA PHE B 211 4.60 -3.05 -1.83
C PHE B 211 5.57 -3.98 -2.54
N ALA B 212 5.74 -3.80 -3.85
CA ALA B 212 6.78 -4.55 -4.56
C ALA B 212 8.18 -4.40 -3.95
N PRO B 213 8.60 -3.24 -3.42
CA PRO B 213 9.92 -3.18 -2.77
C PRO B 213 10.04 -4.09 -1.56
N ASN B 214 8.93 -4.59 -1.03
CA ASN B 214 8.98 -5.40 0.18
C ASN B 214 9.20 -6.89 -0.08
N ILE B 215 9.19 -7.33 -1.33
CA ILE B 215 9.45 -8.74 -1.62
C ILE B 215 10.63 -8.88 -2.57
N PRO B 216 11.42 -9.96 -2.45
CA PRO B 216 12.60 -10.14 -3.30
C PRO B 216 12.35 -9.93 -4.79
N ASN B 217 12.94 -8.87 -5.34
CA ASN B 217 12.78 -8.50 -6.74
C ASN B 217 14.17 -8.40 -7.35
N THR B 218 14.41 -9.18 -8.41
CA THR B 218 15.72 -9.15 -9.06
C THR B 218 15.92 -7.85 -9.83
N THR B 219 14.86 -7.32 -10.45
CA THR B 219 14.97 -6.06 -11.14
C THR B 219 15.32 -4.93 -10.18
N ILE B 220 14.74 -4.96 -8.98
CA ILE B 220 15.10 -3.97 -7.97
C ILE B 220 16.52 -4.22 -7.48
N ALA B 221 16.83 -5.45 -7.09
CA ALA B 221 18.13 -5.74 -6.48
C ALA B 221 19.28 -5.46 -7.42
N LYS B 222 19.12 -5.75 -8.71
CA LYS B 222 20.26 -5.67 -9.62
C LYS B 222 20.73 -4.24 -9.82
N TYR B 223 19.80 -3.28 -9.85
CA TYR B 223 20.16 -1.90 -10.10
C TYR B 223 20.35 -1.09 -8.82
N VAL B 224 19.80 -1.55 -7.70
CA VAL B 224 20.20 -1.01 -6.40
C VAL B 224 21.68 -1.35 -6.13
N ILE B 225 22.10 -2.54 -6.53
CA ILE B 225 23.52 -2.90 -6.40
C ILE B 225 24.38 -2.02 -7.30
N SER B 226 23.96 -1.86 -8.56
CA SER B 226 24.73 -1.06 -9.51
C SER B 226 24.84 0.39 -9.06
N TRP B 227 23.75 0.95 -8.53
CA TRP B 227 23.76 2.35 -8.12
C TRP B 227 24.65 2.57 -6.90
N LEU B 228 24.56 1.68 -5.91
CA LEU B 228 25.48 1.77 -4.77
C LEU B 228 26.92 1.51 -5.20
N LYS B 229 27.13 0.54 -6.09
CA LYS B 229 28.48 0.29 -6.59
C LYS B 229 29.05 1.51 -7.31
N ARG B 230 28.25 2.14 -8.15
CA ARG B 230 28.75 3.24 -8.97
C ARG B 230 29.09 4.47 -8.14
N PHE B 231 28.31 4.76 -7.11
CA PHE B 231 28.45 6.01 -6.40
C PHE B 231 29.00 5.89 -4.99
N VAL B 232 28.70 4.80 -4.28
CA VAL B 232 29.32 4.60 -2.97
C VAL B 232 30.75 4.12 -3.13
N ASP B 233 31.01 3.29 -4.13
CA ASP B 233 32.35 2.78 -4.40
C ASP B 233 33.06 3.52 -5.52
N GLU B 234 32.40 4.49 -6.15
CA GLU B 234 32.95 5.19 -7.31
C GLU B 234 33.38 4.19 -8.39
N ASP B 235 32.68 3.06 -8.45
CA ASP B 235 33.07 1.92 -9.28
C ASP B 235 32.41 2.08 -10.64
N THR B 236 33.19 2.48 -11.64
CA THR B 236 32.68 2.63 -12.99
C THR B 236 32.57 1.32 -13.74
N ARG B 237 32.96 0.20 -13.13
CA ARG B 237 32.66 -1.10 -13.71
C ARG B 237 31.16 -1.34 -13.75
N TYR B 238 30.39 -0.61 -12.93
CA TYR B 238 28.95 -0.74 -12.86
C TYR B 238 28.22 0.39 -13.58
N SER B 239 28.92 1.15 -14.42
CA SER B 239 28.25 2.12 -15.26
C SER B 239 27.59 1.45 -16.47
N GLN B 240 28.15 0.32 -16.91
CA GLN B 240 27.62 -0.37 -18.10
C GLN B 240 26.18 -0.83 -17.88
N PHE B 241 25.77 -1.03 -16.64
CA PHE B 241 24.42 -1.49 -16.33
C PHE B 241 23.43 -0.36 -16.19
N LEU B 242 23.90 0.83 -15.82
CA LEU B 242 23.03 1.98 -15.63
C LEU B 242 22.90 2.83 -16.88
N CYS B 243 23.88 2.78 -17.79
CA CYS B 243 23.87 3.63 -18.96
C CYS B 243 24.36 2.86 -20.18
N PRO B 244 23.63 2.93 -21.30
CA PRO B 244 22.35 3.64 -21.43
C PRO B 244 21.23 2.93 -20.66
N ASN B 245 20.02 3.47 -20.76
CA ASN B 245 18.93 3.09 -19.88
C ASN B 245 18.66 1.59 -19.95
N PRO B 246 18.45 0.93 -18.80
CA PRO B 246 18.08 -0.48 -18.81
C PRO B 246 16.78 -0.72 -19.57
N THR B 247 16.69 -1.90 -20.20
CA THR B 247 15.56 -2.25 -21.05
C THR B 247 14.88 -3.54 -20.60
N ASP B 248 15.07 -3.94 -19.34
CA ASP B 248 14.42 -5.14 -18.81
C ASP B 248 12.92 -5.11 -19.09
N ARG B 249 12.37 -6.30 -19.39
CA ARG B 249 10.94 -6.39 -19.64
C ARG B 249 10.14 -5.98 -18.41
N ALA B 250 10.69 -6.17 -17.22
CA ALA B 250 10.05 -5.74 -15.99
C ALA B 250 9.94 -4.24 -15.85
N ILE B 251 10.63 -3.48 -16.70
CA ILE B 251 10.68 -2.02 -16.62
C ILE B 251 9.70 -1.45 -17.63
N CYS B 252 8.82 -0.57 -17.16
CA CYS B 252 7.86 0.08 -18.04
C CYS B 252 8.24 1.50 -18.43
N GLU B 253 9.09 2.15 -17.65
CA GLU B 253 9.59 3.48 -18.00
C GLU B 253 10.93 3.68 -17.30
N TYR B 254 11.92 4.16 -18.04
CA TYR B 254 13.21 4.52 -17.45
C TYR B 254 13.60 5.91 -17.91
N ARG B 255 14.06 6.74 -16.96
CA ARG B 255 14.58 8.07 -17.24
C ARG B 255 15.91 8.23 -16.50
N SER B 256 16.88 8.88 -17.14
CA SER B 256 18.17 9.06 -16.50
C SER B 256 18.85 10.30 -17.07
N THR B 257 19.87 10.77 -16.35
CA THR B 257 20.79 11.78 -16.87
C THR B 257 22.09 11.13 -17.35
N CYS B 258 21.95 9.97 -17.99
CA CYS B 258 23.10 9.28 -18.55
C CYS B 258 23.80 10.17 -19.59
N PRO B 259 25.11 9.96 -19.81
CA PRO B 259 25.94 8.93 -19.18
C PRO B 259 26.57 9.36 -17.87
N TYR B 260 26.86 8.37 -17.02
CA TYR B 260 27.71 8.54 -15.85
C TYR B 260 28.28 7.17 -15.47
CAA A1L0N C . -18.46 -23.25 -0.04
CAB A1L0N C . -18.00 -22.44 1.00
CAC A1L0N C . -18.55 -21.19 1.19
CAD A1L0N C . -19.56 -20.74 0.35
CAG A1L0N C . -22.63 -18.26 1.28
CAH A1L0N C . -23.63 -18.01 0.15
CAL A1L0N C . -20.03 -21.55 -0.67
CAM A1L0N C . -19.48 -22.81 -0.86
CAN A1L0N C . -17.91 -24.52 -0.24
OAF A1L0N C . -21.79 -19.38 0.97
OAI A1L0N C . -24.89 -17.59 0.69
OAJ A1L0N C . -19.60 -18.59 1.90
OAK A1L0N C . -20.21 -18.21 -0.53
OAO A1L0N C . -18.03 -25.06 -1.36
OAP A1L0N C . -17.29 -25.11 0.67
PAE A1L0N C . -20.25 -19.19 0.58
CA CA D . -24.96 -10.14 -17.87
CAA A1L0N E . -0.32 7.72 4.25
CAB A1L0N E . 0.76 7.60 5.10
CAC A1L0N E . 1.83 6.82 4.71
CAD A1L0N E . 1.85 6.15 3.50
CAG A1L0N E . 3.48 2.55 2.72
CAH A1L0N E . 4.20 1.66 3.74
CAL A1L0N E . 0.76 6.27 2.67
CAM A1L0N E . -0.34 7.06 3.04
CAN A1L0N E . -1.40 8.52 4.63
OAF A1L0N E . 2.82 3.63 3.36
OAI A1L0N E . 4.30 2.33 4.99
OAJ A1L0N E . 3.38 5.16 1.47
OAK A1L0N E . 4.55 5.35 3.70
OAO A1L0N E . -2.22 8.91 3.78
OAP A1L0N E . -1.52 8.85 5.83
PAE A1L0N E . 3.24 5.15 3.05
CA CA F . 15.70 4.79 19.88
#